data_7WMK
#
_entry.id   7WMK
#
_cell.length_a   109.973
_cell.length_b   91.190
_cell.length_c   57.332
_cell.angle_alpha   90.000
_cell.angle_beta   103.780
_cell.angle_gamma   90.000
#
_symmetry.space_group_name_H-M   'C 1 2 1'
#
loop_
_entity.id
_entity.type
_entity.pdbx_description
1 polymer 'PQQ-dependent alcohol dehydrogenase'
2 non-polymer 'PYRROLOQUINOLINE QUINONE'
3 non-polymer 'ACETATE ION'
4 non-polymer 'SODIUM ION'
5 non-polymer '4-(2-HYDROXYETHYL)-1-PIPERAZINE ETHANESULFONIC ACID'
6 non-polymer 'CALCIUM ION'
7 non-polymer 'CHLORIDE ION'
8 water water
#
_entity_poly.entity_id   1
_entity_poly.type   'polypeptide(L)'
_entity_poly.pdbx_seq_one_letter_code
;MHADGAAAETAAPGQSAIENFQPVTAEDLAGGNAANWPILRGNYQGWGYTQLDQINKDNVGQLQLAWARTMEPGSNEGSA
IAYNGVVFLGNANDVVQAIDGKTGNLIWEYRRKLPPASKFINSLGAAKRSIALFGDKVYFVSWDNFVVALDAKTGKLAWE
TNRGQGVEEGVSNSSGPIVVDGVVIAGSTCQYSGFGCYVTGTDAESGEELWRNTFIPRPGEEGDDTWGGAPYENRWMTGA
WGQITYDPELDLVYYGSTGAGPASEVQRGTEGGTLAGTNTRFAVKPKTGEVVWKHQTLPRDNWDSECTFEMMVVSTTVNP
DAGADGMMSVGANVPRGETRKVLTGVPCKTGVAWQFDAETGDYFWSKATVEQNSIASIDDKGLVTVNEDMILKEPGKDYN
YCPTFLGGRDWPSAGYLPKSNLYVIPLSNACYDLKARTTEATPADVYNTDSTVKLAPGKTNMGRVDAIDVATGATKWSFE
TEAALYDPVMTTAGDLVFVGSTDRMFRALDAETGKEVWSTRLPGAISGYTTSYSIDGRQYVAVVAGGSLGTGFFKAAVPG
VDAVQGGNGIYVFALPEAK
;
_entity_poly.pdbx_strand_id   A
#
loop_
_chem_comp.id
_chem_comp.type
_chem_comp.name
_chem_comp.formula
ACT non-polymer 'ACETATE ION' 'C2 H3 O2 -1'
CA non-polymer 'CALCIUM ION' 'Ca 2'
CL non-polymer 'CHLORIDE ION' 'Cl -1'
EPE non-polymer '4-(2-HYDROXYETHYL)-1-PIPERAZINE ETHANESULFONIC ACID' 'C8 H18 N2 O4 S'
NA non-polymer 'SODIUM ION' 'Na 1'
PQQ non-polymer 'PYRROLOQUINOLINE QUINONE' 'C14 H6 N2 O8'
#
# COMPACT_ATOMS: atom_id res chain seq x y z
N ALA A 3 -9.51 13.83 40.91
CA ALA A 3 -9.28 13.72 42.36
C ALA A 3 -9.28 12.24 42.77
N ASP A 4 -8.10 11.65 42.90
CA ASP A 4 -7.91 10.24 43.29
C ASP A 4 -7.30 10.30 44.70
N GLY A 5 -6.00 10.56 44.82
CA GLY A 5 -5.45 11.07 46.06
C GLY A 5 -5.54 12.59 46.13
N ALA A 6 -5.00 13.16 47.21
CA ALA A 6 -5.04 14.61 47.36
C ALA A 6 -4.15 15.33 46.36
N ALA A 7 -3.18 14.62 45.77
CA ALA A 7 -2.35 15.22 44.75
C ALA A 7 -3.05 15.14 43.40
N ALA A 8 -2.62 16.02 42.49
CA ALA A 8 -3.12 16.02 41.12
C ALA A 8 -2.35 14.99 40.29
N GLU A 9 -3.00 13.86 39.98
CA GLU A 9 -2.43 12.89 39.07
C GLU A 9 -2.60 13.41 37.64
N THR A 10 -1.52 13.42 36.87
CA THR A 10 -1.57 13.95 35.52
C THR A 10 -0.83 13.03 34.57
N ALA A 11 -1.17 13.13 33.29
CA ALA A 11 -0.46 12.46 32.19
C ALA A 11 -0.08 13.54 31.18
N ALA A 12 1.06 14.18 31.41
CA ALA A 12 1.50 15.30 30.59
C ALA A 12 1.57 14.89 29.12
N PRO A 13 0.85 15.57 28.23
CA PRO A 13 0.77 15.08 26.85
C PRO A 13 2.11 15.12 26.14
N GLY A 14 2.47 14.00 25.53
CA GLY A 14 3.73 13.87 24.85
C GLY A 14 4.85 13.31 25.68
N GLN A 15 4.71 13.32 27.01
CA GLN A 15 5.76 12.90 27.94
C GLN A 15 5.26 11.81 28.87
N SER A 16 4.24 11.08 28.47
CA SER A 16 3.63 10.07 29.32
C SER A 16 3.87 8.68 28.75
N ALA A 17 3.49 7.69 29.55
CA ALA A 17 3.60 6.29 29.17
C ALA A 17 2.22 5.67 29.03
N ILE A 18 2.13 4.66 28.17
CA ILE A 18 0.94 3.83 28.11
C ILE A 18 0.81 3.06 29.43
N GLU A 19 -0.38 3.10 30.03
CA GLU A 19 -0.55 2.51 31.36
C GLU A 19 -0.44 0.99 31.31
N ASN A 20 -1.08 0.37 30.33
CA ASN A 20 -1.14 -1.09 30.23
C ASN A 20 -0.85 -1.43 28.77
N PHE A 21 0.35 -1.92 28.50
CA PHE A 21 0.69 -2.36 27.15
C PHE A 21 0.94 -3.85 27.15
N GLN A 22 0.16 -4.59 26.36
CA GLN A 22 0.31 -6.03 26.28
C GLN A 22 1.06 -6.38 25.00
N PRO A 23 2.09 -7.22 25.06
CA PRO A 23 2.89 -7.48 23.87
C PRO A 23 2.03 -8.00 22.74
N VAL A 24 2.37 -7.54 21.54
CA VAL A 24 1.65 -7.85 20.32
C VAL A 24 2.15 -9.19 19.79
N THR A 25 1.21 -10.07 19.46
CA THR A 25 1.54 -11.42 19.04
C THR A 25 1.27 -11.62 17.55
N ALA A 26 1.76 -12.75 17.04
CA ALA A 26 1.45 -13.15 15.67
C ALA A 26 -0.04 -13.32 15.47
N GLU A 27 -0.75 -13.78 16.50
CA GLU A 27 -2.21 -13.93 16.41
C GLU A 27 -2.88 -12.57 16.28
N ASP A 28 -2.38 -11.55 16.99
CA ASP A 28 -2.90 -10.20 16.81
C ASP A 28 -2.73 -9.75 15.36
N LEU A 29 -1.53 -9.92 14.82
CA LEU A 29 -1.22 -9.40 13.51
C LEU A 29 -1.91 -10.17 12.40
N ALA A 30 -2.31 -11.42 12.66
CA ALA A 30 -3.13 -12.18 11.73
C ALA A 30 -4.61 -11.78 11.80
N GLY A 31 -4.96 -10.77 12.58
CA GLY A 31 -6.33 -10.31 12.66
C GLY A 31 -7.13 -10.87 13.81
N GLY A 32 -6.47 -11.37 14.86
CA GLY A 32 -7.16 -12.17 15.86
C GLY A 32 -8.09 -11.41 16.79
N ASN A 33 -7.97 -10.09 16.86
CA ASN A 33 -8.81 -9.27 17.74
C ASN A 33 -9.43 -8.17 16.92
N ALA A 34 -10.73 -8.32 16.64
CA ALA A 34 -11.44 -7.36 15.78
C ALA A 34 -11.47 -5.95 16.34
N ALA A 35 -11.27 -5.77 17.64
CA ALA A 35 -11.25 -4.43 18.20
C ALA A 35 -10.01 -3.65 17.81
N ASN A 36 -9.00 -4.31 17.24
CA ASN A 36 -7.74 -3.64 16.94
C ASN A 36 -7.50 -3.60 15.44
N TRP A 37 -6.54 -2.75 15.05
CA TRP A 37 -6.05 -2.66 13.68
C TRP A 37 -4.53 -2.51 13.79
N PRO A 38 -3.83 -3.60 14.10
CA PRO A 38 -2.43 -3.50 14.56
C PRO A 38 -1.38 -3.57 13.47
N ILE A 39 -1.80 -3.48 12.20
CA ILE A 39 -0.92 -3.58 11.05
C ILE A 39 -1.62 -2.84 9.94
N LEU A 40 -0.86 -2.39 8.93
CA LEU A 40 -1.37 -1.42 7.95
C LEU A 40 -2.71 -1.84 7.34
N ARG A 41 -2.84 -3.10 6.93
CA ARG A 41 -4.07 -3.58 6.26
C ARG A 41 -4.92 -4.41 7.23
N GLY A 42 -4.79 -4.18 8.55
CA GLY A 42 -5.63 -4.81 9.55
C GLY A 42 -5.21 -6.22 9.91
N ASN A 43 -4.75 -6.96 8.90
CA ASN A 43 -4.20 -8.29 9.08
C ASN A 43 -2.98 -8.46 8.16
N TYR A 44 -2.15 -9.44 8.52
CA TYR A 44 -0.99 -9.79 7.72
C TYR A 44 -1.39 -10.03 6.26
N GLN A 45 -2.55 -10.64 6.04
CA GLN A 45 -2.98 -11.09 4.73
C GLN A 45 -3.43 -9.95 3.82
N GLY A 46 -3.45 -8.72 4.31
CA GLY A 46 -3.65 -7.57 3.44
C GLY A 46 -5.08 -7.15 3.17
N TRP A 47 -6.05 -7.55 4.00
CA TRP A 47 -7.44 -7.41 3.58
C TRP A 47 -7.94 -5.97 3.64
N GLY A 48 -7.41 -5.14 4.54
CA GLY A 48 -7.94 -3.80 4.69
C GLY A 48 -9.36 -3.78 5.23
N TYR A 49 -9.73 -4.79 6.00
CA TYR A 49 -11.09 -5.02 6.45
C TYR A 49 -11.18 -4.94 7.96
N THR A 50 -12.30 -4.41 8.45
CA THR A 50 -12.65 -4.54 9.85
C THR A 50 -13.89 -5.41 10.02
N GLN A 51 -13.82 -6.34 10.97
CA GLN A 51 -14.98 -7.13 11.36
C GLN A 51 -15.97 -6.35 12.20
N LEU A 52 -15.64 -5.11 12.60
CA LEU A 52 -16.57 -4.32 13.40
C LEU A 52 -17.75 -3.90 12.55
N ASP A 53 -18.95 -4.03 13.10
CA ASP A 53 -20.18 -3.77 12.36
C ASP A 53 -21.13 -2.86 13.14
N GLN A 54 -20.64 -2.17 14.18
CA GLN A 54 -21.53 -1.22 14.87
C GLN A 54 -22.00 -0.15 13.92
N ILE A 55 -21.08 0.36 13.10
CA ILE A 55 -21.37 1.30 12.02
C ILE A 55 -21.71 0.48 10.79
N ASN A 56 -22.88 0.72 10.21
CA ASN A 56 -23.34 -0.10 9.09
C ASN A 56 -24.16 0.79 8.16
N LYS A 57 -24.59 0.22 7.05
CA LYS A 57 -25.31 0.98 6.01
C LYS A 57 -26.59 1.62 6.58
N ASP A 58 -27.16 1.13 7.67
CA ASP A 58 -28.39 1.74 8.18
C ASP A 58 -28.15 2.95 9.08
N ASN A 59 -26.98 3.08 9.71
CA ASN A 59 -26.73 4.21 10.60
C ASN A 59 -25.53 5.06 10.22
N VAL A 60 -24.81 4.73 9.15
CA VAL A 60 -23.58 5.47 8.87
C VAL A 60 -23.88 6.94 8.57
N GLY A 61 -25.08 7.23 8.06
CA GLY A 61 -25.43 8.63 7.83
C GLY A 61 -25.34 9.50 9.06
N GLN A 62 -25.34 8.91 10.26
CA GLN A 62 -25.21 9.64 11.50
C GLN A 62 -23.78 9.83 11.97
N LEU A 63 -22.78 9.33 11.25
CA LEU A 63 -21.38 9.40 11.73
C LEU A 63 -20.99 10.84 12.04
N GLN A 64 -20.38 11.08 13.18
CA GLN A 64 -19.92 12.39 13.61
C GLN A 64 -18.45 12.34 13.92
N LEU A 65 -17.84 13.52 14.01
CA LEU A 65 -16.42 13.63 14.32
C LEU A 65 -16.25 13.45 15.82
N ALA A 66 -15.54 12.40 16.22
CA ALA A 66 -15.26 12.17 17.64
C ALA A 66 -14.09 13.04 18.08
N TRP A 67 -12.96 12.90 17.38
CA TRP A 67 -11.80 13.72 17.72
C TRP A 67 -10.86 13.73 16.53
N ALA A 68 -9.93 14.69 16.57
CA ALA A 68 -8.90 14.83 15.56
C ALA A 68 -7.64 15.35 16.23
N ARG A 69 -6.51 15.27 15.53
CA ARG A 69 -5.29 15.87 16.04
C ARG A 69 -4.36 16.22 14.89
N THR A 70 -3.75 17.39 14.99
CA THR A 70 -2.81 17.87 13.98
C THR A 70 -1.63 16.91 13.84
N MET A 71 -1.14 16.78 12.61
CA MET A 71 0.02 15.96 12.31
C MET A 71 1.08 16.82 11.62
N GLU A 72 2.28 16.26 11.53
CA GLU A 72 3.40 17.01 10.96
C GLU A 72 3.11 17.40 9.50
N PRO A 73 3.65 18.52 9.04
CA PRO A 73 3.47 18.91 7.64
C PRO A 73 4.25 17.99 6.71
N GLY A 74 3.82 17.95 5.46
CA GLY A 74 4.40 17.11 4.44
C GLY A 74 3.36 16.20 3.81
N SER A 75 3.85 15.25 3.01
CA SER A 75 2.99 14.23 2.43
C SER A 75 2.43 13.34 3.53
N ASN A 76 1.11 13.27 3.63
CA ASN A 76 0.44 12.63 4.75
C ASN A 76 -0.31 11.38 4.27
N GLU A 77 0.41 10.27 4.19
CA GLU A 77 -0.08 9.03 3.63
C GLU A 77 -0.22 7.93 4.68
N GLY A 78 -0.19 8.31 5.95
CA GLY A 78 -0.04 7.35 7.02
C GLY A 78 -1.34 6.70 7.47
N SER A 79 -1.21 5.99 8.59
CA SER A 79 -2.25 5.09 9.07
C SER A 79 -2.31 5.13 10.59
N ALA A 80 -3.53 5.11 11.12
CA ALA A 80 -3.78 5.00 12.55
C ALA A 80 -3.75 3.53 12.92
N ILE A 81 -2.59 3.06 13.35
CA ILE A 81 -2.43 1.68 13.81
C ILE A 81 -2.93 1.59 15.25
N ALA A 82 -4.03 0.89 15.45
CA ALA A 82 -4.75 0.92 16.72
C ALA A 82 -4.63 -0.41 17.46
N TYR A 83 -4.32 -0.33 18.75
CA TYR A 83 -4.09 -1.53 19.55
C TYR A 83 -4.46 -1.24 21.00
N ASN A 84 -5.51 -1.93 21.47
CA ASN A 84 -5.95 -1.89 22.86
C ASN A 84 -6.08 -0.46 23.37
N GLY A 85 -6.77 0.36 22.58
CA GLY A 85 -7.14 1.70 22.98
C GLY A 85 -6.12 2.77 22.72
N VAL A 86 -5.00 2.43 22.07
CA VAL A 86 -3.95 3.38 21.70
C VAL A 86 -3.82 3.39 20.19
N VAL A 87 -3.70 4.57 19.62
CA VAL A 87 -3.37 4.76 18.22
C VAL A 87 -1.89 5.10 18.11
N PHE A 88 -1.18 4.30 17.33
CA PHE A 88 0.23 4.52 17.03
C PHE A 88 0.29 5.10 15.63
N LEU A 89 0.87 6.30 15.51
CA LEU A 89 0.66 7.11 14.31
C LEU A 89 2.01 7.58 13.77
N GLY A 90 2.38 7.06 12.62
CA GLY A 90 3.54 7.55 11.91
C GLY A 90 3.20 8.82 11.16
N ASN A 91 3.83 9.93 11.55
CA ASN A 91 3.71 11.22 10.86
C ASN A 91 4.79 11.29 9.77
N ALA A 92 4.68 12.30 8.93
CA ALA A 92 5.79 12.65 8.06
C ALA A 92 7.00 13.04 8.90
N ASN A 93 8.18 12.92 8.29
CA ASN A 93 9.43 13.42 8.87
C ASN A 93 9.84 12.67 10.12
N ASP A 94 9.53 11.38 10.19
CA ASP A 94 9.98 10.51 11.28
C ASP A 94 9.59 11.02 12.65
N VAL A 95 8.36 11.50 12.76
CA VAL A 95 7.70 11.76 14.03
C VAL A 95 6.72 10.62 14.24
N VAL A 96 6.77 9.97 15.39
CA VAL A 96 5.90 8.84 15.72
C VAL A 96 5.20 9.16 17.03
N GLN A 97 3.88 8.97 17.07
CA GLN A 97 3.08 9.32 18.23
C GLN A 97 2.24 8.14 18.70
N ALA A 98 2.03 8.11 20.01
CA ALA A 98 1.02 7.24 20.63
C ALA A 98 -0.04 8.17 21.20
N ILE A 99 -1.30 7.93 20.83
CA ILE A 99 -2.43 8.80 21.16
C ILE A 99 -3.52 7.94 21.78
N ASP A 100 -4.18 8.45 22.82
CA ASP A 100 -5.34 7.76 23.37
C ASP A 100 -6.44 7.71 22.31
N GLY A 101 -6.83 6.49 21.92
CA GLY A 101 -7.75 6.29 20.80
C GLY A 101 -9.17 6.71 21.08
N LYS A 102 -9.51 6.91 22.35
CA LYS A 102 -10.85 7.35 22.72
C LYS A 102 -10.95 8.87 22.77
N THR A 103 -9.94 9.55 23.32
CA THR A 103 -10.04 10.99 23.57
C THR A 103 -9.25 11.84 22.59
N GLY A 104 -8.22 11.30 21.97
CA GLY A 104 -7.33 12.10 21.18
C GLY A 104 -6.20 12.77 21.94
N ASN A 105 -6.01 12.45 23.22
CA ASN A 105 -4.88 13.00 23.97
C ASN A 105 -3.58 12.35 23.53
N LEU A 106 -2.57 13.16 23.22
CA LEU A 106 -1.25 12.63 22.97
C LEU A 106 -0.69 11.97 24.23
N ILE A 107 -0.13 10.78 24.07
CA ILE A 107 0.54 10.08 25.17
C ILE A 107 2.03 10.35 25.08
N TRP A 108 2.67 9.90 24.02
CA TRP A 108 4.10 10.13 23.80
C TRP A 108 4.36 10.51 22.35
N GLU A 109 5.47 11.19 22.14
CA GLU A 109 5.90 11.60 20.80
C GLU A 109 7.40 11.42 20.67
N TYR A 110 7.81 10.65 19.67
CA TYR A 110 9.20 10.52 19.25
C TYR A 110 9.42 11.40 18.04
N ARG A 111 10.49 12.19 18.07
CA ARG A 111 10.86 13.08 16.97
C ARG A 111 12.31 12.79 16.58
N ARG A 112 12.52 12.18 15.43
CA ARG A 112 13.87 11.89 14.99
C ARG A 112 14.63 13.16 14.63
N LYS A 113 15.90 13.18 14.99
CA LYS A 113 16.80 14.26 14.58
C LYS A 113 17.32 13.89 13.20
N LEU A 114 16.93 14.67 12.19
CA LEU A 114 17.29 14.37 10.82
C LEU A 114 18.21 15.44 10.23
N PRO A 115 18.98 15.09 9.21
CA PRO A 115 19.70 16.12 8.42
C PRO A 115 18.70 17.07 7.79
N PRO A 116 19.15 18.24 7.32
CA PRO A 116 18.24 19.11 6.57
C PRO A 116 17.66 18.39 5.35
N ALA A 117 16.40 18.70 5.05
CA ALA A 117 15.71 18.05 3.93
C ALA A 117 16.47 18.23 2.63
N SER A 118 17.17 19.33 2.44
CA SER A 118 17.92 19.58 1.18
C SER A 118 19.01 18.52 0.95
N LYS A 119 19.51 17.82 1.96
CA LYS A 119 20.59 16.81 1.76
C LYS A 119 20.03 15.48 1.24
N PHE A 120 18.73 15.25 1.33
CA PHE A 120 18.14 13.99 0.86
C PHE A 120 17.88 14.05 -0.64
N ILE A 121 18.48 13.18 -1.45
CA ILE A 121 18.14 13.16 -2.88
C ILE A 121 16.81 12.48 -3.14
N ASN A 122 16.27 11.75 -2.16
CA ASN A 122 15.02 11.00 -2.31
C ASN A 122 14.06 11.47 -1.23
N SER A 123 13.20 12.41 -1.59
CA SER A 123 12.23 12.95 -0.66
C SER A 123 11.03 12.05 -0.42
N LEU A 124 10.92 10.95 -1.15
CA LEU A 124 9.76 10.08 -0.98
C LEU A 124 9.76 9.42 0.39
N GLY A 125 10.93 9.25 0.99
CA GLY A 125 10.98 8.64 2.31
C GLY A 125 10.49 9.52 3.44
N ALA A 126 10.14 10.78 3.16
CA ALA A 126 9.59 11.64 4.20
C ALA A 126 8.15 11.27 4.54
N ALA A 127 7.44 10.67 3.58
CA ALA A 127 6.14 10.10 3.85
C ALA A 127 6.32 8.78 4.56
N LYS A 128 5.32 8.40 5.34
CA LYS A 128 5.39 7.17 6.13
C LYS A 128 4.01 6.54 6.15
N ARG A 129 3.79 5.48 5.38
CA ARG A 129 2.44 4.90 5.29
C ARG A 129 2.10 4.13 6.56
N SER A 130 3.08 3.61 7.31
CA SER A 130 2.76 2.85 8.51
C SER A 130 3.97 2.71 9.41
N ILE A 131 3.67 2.51 10.68
CA ILE A 131 4.63 1.88 11.63
C ILE A 131 4.17 0.43 11.76
N ALA A 132 5.00 -0.40 12.36
CA ALA A 132 4.62 -1.77 12.67
C ALA A 132 4.73 -2.06 14.16
N LEU A 133 3.98 -3.07 14.60
CA LEU A 133 3.99 -3.49 15.99
C LEU A 133 4.45 -4.94 16.07
N PHE A 134 5.17 -5.27 17.13
CA PHE A 134 5.47 -6.65 17.46
C PHE A 134 6.05 -6.67 18.87
N GLY A 135 5.60 -7.64 19.70
CA GLY A 135 6.16 -7.70 21.03
C GLY A 135 5.92 -6.39 21.77
N ASP A 136 6.98 -5.83 22.34
CA ASP A 136 6.86 -4.64 23.18
C ASP A 136 7.37 -3.39 22.47
N LYS A 137 7.51 -3.42 21.13
CA LYS A 137 8.17 -2.34 20.42
C LYS A 137 7.34 -1.86 19.23
N VAL A 138 7.61 -0.62 18.85
CA VAL A 138 7.08 -0.01 17.63
C VAL A 138 8.24 0.10 16.65
N TYR A 139 8.00 -0.29 15.40
CA TYR A 139 9.04 -0.37 14.39
C TYR A 139 8.73 0.53 13.22
N PHE A 140 9.76 1.17 12.67
CA PHE A 140 9.58 1.93 11.44
C PHE A 140 10.90 1.98 10.70
N VAL A 141 10.85 2.44 9.45
CA VAL A 141 12.06 2.71 8.68
C VAL A 141 12.13 4.22 8.51
N SER A 142 13.26 4.79 8.85
CA SER A 142 13.43 6.23 8.82
C SER A 142 13.74 6.73 7.42
N TRP A 143 13.52 8.03 7.25
CA TRP A 143 13.84 8.67 5.98
C TRP A 143 15.31 8.48 5.63
N ASP A 144 16.21 8.53 6.63
CA ASP A 144 17.64 8.29 6.44
C ASP A 144 18.03 6.79 6.41
N ASN A 145 17.05 5.90 6.29
CA ASN A 145 17.26 4.48 5.97
C ASN A 145 17.82 3.68 7.14
N PHE A 146 17.37 3.97 8.35
CA PHE A 146 17.60 3.12 9.49
C PHE A 146 16.33 2.32 9.76
N VAL A 147 16.47 1.05 10.12
CA VAL A 147 15.39 0.35 10.79
C VAL A 147 15.43 0.76 12.26
N VAL A 148 14.30 1.23 12.79
CA VAL A 148 14.23 1.78 14.14
C VAL A 148 13.18 1.03 14.96
N ALA A 149 13.52 0.76 16.22
CA ALA A 149 12.61 0.22 17.21
C ALA A 149 12.51 1.22 18.35
N LEU A 150 11.26 1.55 18.72
CA LEU A 150 10.94 2.32 19.90
C LEU A 150 10.28 1.42 20.94
N ASP A 151 10.52 1.72 22.22
CA ASP A 151 9.72 1.09 23.26
C ASP A 151 8.26 1.50 23.07
N ALA A 152 7.36 0.53 22.96
CA ALA A 152 5.97 0.86 22.70
C ALA A 152 5.35 1.65 23.86
N LYS A 153 5.73 1.35 25.09
CA LYS A 153 5.06 1.96 26.23
C LYS A 153 5.43 3.44 26.39
N THR A 154 6.66 3.82 26.01
CA THR A 154 7.19 5.15 26.34
C THR A 154 7.65 5.94 25.13
N GLY A 155 7.82 5.31 23.97
CA GLY A 155 8.32 6.01 22.80
C GLY A 155 9.81 6.21 22.76
N LYS A 156 10.54 5.73 23.76
CA LYS A 156 11.98 5.94 23.81
C LYS A 156 12.67 5.04 22.79
N LEU A 157 13.72 5.55 22.18
CA LEU A 157 14.49 4.75 21.23
C LEU A 157 15.04 3.51 21.91
N ALA A 158 14.76 2.34 21.29
CA ALA A 158 15.32 1.08 21.75
C ALA A 158 16.59 0.72 20.98
N TRP A 159 16.50 0.68 19.65
CA TRP A 159 17.66 0.43 18.82
C TRP A 159 17.39 1.02 17.45
N GLU A 160 18.47 1.29 16.72
CA GLU A 160 18.39 1.76 15.35
C GLU A 160 19.55 1.17 14.58
N THR A 161 19.27 0.71 13.36
CA THR A 161 20.26 0.05 12.51
C THR A 161 20.29 0.72 11.14
N ASN A 162 21.43 1.32 10.82
CA ASN A 162 21.60 2.02 9.56
C ASN A 162 21.80 0.98 8.46
N ARG A 163 20.89 0.93 7.49
CA ARG A 163 21.01 0.01 6.37
C ARG A 163 22.01 0.47 5.34
N GLY A 164 22.45 1.73 5.42
CA GLY A 164 23.41 2.29 4.50
C GLY A 164 22.75 3.08 3.39
N GLN A 165 23.49 4.03 2.84
CA GLN A 165 23.13 4.72 1.61
C GLN A 165 21.87 5.57 1.71
N GLY A 166 21.53 6.06 2.88
CA GLY A 166 20.43 7.00 2.98
C GLY A 166 20.91 8.40 2.69
N VAL A 167 19.99 9.36 2.71
CA VAL A 167 20.25 10.81 2.58
C VAL A 167 20.94 11.09 1.22
N GLU A 168 22.22 11.41 1.15
CA GLU A 168 22.84 11.72 -0.14
C GLU A 168 22.85 10.59 -1.18
N GLU A 169 22.75 9.32 -0.77
CA GLU A 169 22.78 8.21 -1.72
C GLU A 169 21.40 7.72 -2.11
N GLY A 170 20.35 8.17 -1.42
CA GLY A 170 19.01 8.08 -1.94
C GLY A 170 18.16 6.88 -1.56
N VAL A 171 18.66 5.94 -0.77
CA VAL A 171 17.85 4.79 -0.40
C VAL A 171 17.00 5.17 0.80
N SER A 172 15.73 4.81 0.77
CA SER A 172 14.82 5.15 1.85
C SER A 172 13.71 4.11 1.92
N ASN A 173 12.62 4.46 2.61
CA ASN A 173 11.46 3.59 2.73
C ASN A 173 10.27 4.52 2.98
N SER A 174 9.16 4.23 2.33
CA SER A 174 7.93 4.99 2.49
C SER A 174 6.73 4.17 2.98
N SER A 175 6.72 2.85 2.80
CA SER A 175 5.52 2.08 3.14
C SER A 175 5.52 1.57 4.58
N GLY A 176 6.70 1.30 5.14
CA GLY A 176 6.81 0.78 6.48
C GLY A 176 7.01 -0.72 6.48
N PRO A 177 7.53 -1.26 7.59
CA PRO A 177 7.84 -2.69 7.68
C PRO A 177 6.63 -3.48 8.17
N ILE A 178 6.77 -4.81 8.13
CA ILE A 178 5.94 -5.71 8.94
C ILE A 178 6.90 -6.56 9.76
N VAL A 179 6.39 -7.18 10.81
CA VAL A 179 7.20 -8.05 11.66
C VAL A 179 6.59 -9.43 11.68
N VAL A 180 7.38 -10.45 11.35
CA VAL A 180 6.94 -11.84 11.29
C VAL A 180 7.88 -12.66 12.15
N ASP A 181 7.34 -13.29 13.20
CA ASP A 181 8.09 -14.20 14.06
C ASP A 181 9.44 -13.61 14.44
N GLY A 182 9.43 -12.35 14.86
CA GLY A 182 10.63 -11.72 15.38
C GLY A 182 11.57 -11.15 14.33
N VAL A 183 11.13 -11.09 13.08
CA VAL A 183 11.93 -10.53 11.98
C VAL A 183 11.19 -9.33 11.41
N VAL A 184 11.84 -8.16 11.47
CA VAL A 184 11.32 -6.92 10.88
C VAL A 184 11.69 -6.94 9.41
N ILE A 185 10.68 -6.91 8.53
CA ILE A 185 10.89 -7.03 7.10
C ILE A 185 10.53 -5.71 6.47
N ALA A 186 11.45 -5.15 5.69
CA ALA A 186 11.30 -3.81 5.14
C ALA A 186 11.89 -3.73 3.74
N GLY A 187 11.10 -3.19 2.80
CA GLY A 187 11.59 -2.90 1.47
C GLY A 187 12.34 -1.60 1.42
N SER A 188 12.38 -1.01 0.22
CA SER A 188 13.13 0.21 0.03
C SER A 188 12.69 0.89 -1.25
N THR A 189 12.92 2.19 -1.27
CA THR A 189 12.91 3.04 -2.45
C THR A 189 14.30 3.55 -2.77
N CYS A 190 14.67 3.47 -4.05
CA CYS A 190 15.92 4.04 -4.56
C CYS A 190 15.67 4.72 -5.89
N GLN A 191 14.58 5.52 -5.92
CA GLN A 191 14.04 6.12 -7.12
C GLN A 191 15.02 7.05 -7.83
N TYR A 192 15.99 7.61 -7.11
CA TYR A 192 16.92 8.58 -7.66
C TYR A 192 18.35 8.07 -7.67
N SER A 193 18.56 6.76 -7.50
CA SER A 193 19.88 6.20 -7.34
C SER A 193 20.34 5.47 -8.60
N GLY A 194 21.66 5.44 -8.81
CA GLY A 194 22.24 4.71 -9.93
C GLY A 194 22.54 3.26 -9.62
N PHE A 195 21.58 2.60 -8.98
CA PHE A 195 21.72 1.21 -8.54
C PHE A 195 20.34 0.77 -8.09
N GLY A 196 20.20 -0.53 -7.86
CA GLY A 196 18.97 -1.08 -7.35
C GLY A 196 19.05 -1.26 -5.84
N CYS A 197 17.93 -1.60 -5.18
CA CYS A 197 17.86 -1.68 -3.72
C CYS A 197 17.21 -3.00 -3.32
N TYR A 198 16.62 -3.12 -2.13
CA TYR A 198 16.41 -4.43 -1.56
C TYR A 198 15.26 -4.50 -0.59
N VAL A 199 15.03 -5.72 -0.12
CA VAL A 199 14.23 -5.99 1.06
C VAL A 199 15.18 -6.60 2.10
N THR A 200 15.07 -6.18 3.36
CA THR A 200 15.87 -6.76 4.43
C THR A 200 15.00 -7.35 5.52
N GLY A 201 15.59 -8.29 6.25
CA GLY A 201 15.03 -8.82 7.47
C GLY A 201 15.98 -8.52 8.61
N THR A 202 15.44 -8.02 9.74
CA THR A 202 16.23 -7.57 10.87
C THR A 202 15.64 -8.15 12.14
N ASP A 203 16.51 -8.61 13.06
CA ASP A 203 15.99 -9.18 14.29
C ASP A 203 15.26 -8.12 15.12
N ALA A 204 14.04 -8.44 15.53
CA ALA A 204 13.19 -7.46 16.19
C ALA A 204 13.68 -7.06 17.57
N GLU A 205 14.46 -7.89 18.26
CA GLU A 205 14.90 -7.49 19.59
C GLU A 205 16.33 -6.96 19.60
N SER A 206 17.19 -7.45 18.71
CA SER A 206 18.60 -7.07 18.77
C SER A 206 18.98 -6.00 17.76
N GLY A 207 18.20 -5.83 16.69
CA GLY A 207 18.53 -4.91 15.61
C GLY A 207 19.49 -5.45 14.57
N GLU A 208 19.92 -6.70 14.69
CA GLU A 208 20.86 -7.27 13.75
C GLU A 208 20.20 -7.56 12.42
N GLU A 209 20.79 -7.09 11.33
CA GLU A 209 20.31 -7.50 10.02
C GLU A 209 20.60 -8.97 9.77
N LEU A 210 19.56 -9.71 9.41
CA LEU A 210 19.63 -11.14 9.17
C LEU A 210 19.74 -11.52 7.71
N TRP A 211 19.10 -10.77 6.81
CA TRP A 211 19.19 -11.08 5.39
C TRP A 211 18.84 -9.87 4.56
N ARG A 212 19.28 -9.89 3.31
CA ARG A 212 19.06 -8.79 2.38
C ARG A 212 18.90 -9.41 0.99
N ASN A 213 17.76 -9.16 0.35
CA ASN A 213 17.47 -9.64 -0.99
C ASN A 213 17.53 -8.48 -1.98
N THR A 214 18.28 -8.66 -3.07
CA THR A 214 18.32 -7.71 -4.17
C THR A 214 17.69 -8.34 -5.40
N PHE A 215 17.52 -7.55 -6.46
CA PHE A 215 16.67 -7.96 -7.58
C PHE A 215 17.37 -8.02 -8.93
N ILE A 216 18.45 -7.27 -9.16
CA ILE A 216 19.08 -7.13 -10.48
C ILE A 216 20.08 -8.28 -10.64
N PRO A 217 19.94 -9.16 -11.64
CA PRO A 217 20.87 -10.21 -11.81
C PRO A 217 22.20 -9.66 -12.35
N ARG A 218 23.26 -10.38 -12.07
CA ARG A 218 24.62 -10.02 -12.54
C ARG A 218 25.07 -10.99 -13.62
N PRO A 219 25.99 -10.61 -14.54
CA PRO A 219 26.59 -11.52 -15.51
C PRO A 219 27.03 -12.81 -14.77
N GLY A 220 26.53 -13.97 -15.19
CA GLY A 220 26.71 -15.25 -14.52
C GLY A 220 25.45 -15.79 -13.89
N GLU A 221 24.47 -14.94 -13.61
CA GLU A 221 23.24 -15.32 -12.92
C GLU A 221 22.11 -15.47 -13.93
N GLU A 222 21.14 -16.31 -13.57
CA GLU A 222 19.94 -16.57 -14.39
C GLU A 222 19.25 -15.23 -14.65
N GLY A 223 18.94 -14.91 -15.90
CA GLY A 223 18.22 -13.71 -16.24
C GLY A 223 19.09 -12.54 -16.64
N ASP A 224 20.40 -12.63 -16.48
CA ASP A 224 21.23 -11.49 -16.89
C ASP A 224 21.07 -11.21 -18.39
N ASP A 225 20.81 -12.24 -19.18
CA ASP A 225 20.68 -12.06 -20.63
C ASP A 225 19.38 -11.38 -21.04
N THR A 226 18.53 -10.99 -20.10
CA THR A 226 17.29 -10.28 -20.41
C THR A 226 17.41 -8.77 -20.24
N TRP A 227 18.61 -8.26 -20.00
CA TRP A 227 18.84 -6.84 -19.79
C TRP A 227 19.41 -6.15 -21.04
N GLY A 228 19.32 -6.81 -22.20
CA GLY A 228 19.66 -6.15 -23.45
C GLY A 228 21.10 -5.76 -23.61
N GLY A 229 22.00 -6.36 -22.84
CA GLY A 229 23.39 -6.00 -22.91
C GLY A 229 23.79 -4.81 -22.06
N ALA A 230 22.86 -4.22 -21.31
CA ALA A 230 23.22 -3.06 -20.50
C ALA A 230 24.19 -3.49 -19.41
N PRO A 231 25.31 -2.80 -19.25
CA PRO A 231 26.23 -3.15 -18.16
C PRO A 231 25.51 -3.09 -16.83
N TYR A 232 25.93 -3.98 -15.92
CA TYR A 232 25.32 -4.02 -14.59
C TYR A 232 25.28 -2.64 -13.94
N GLU A 233 26.29 -1.81 -14.18
CA GLU A 233 26.37 -0.51 -13.54
C GLU A 233 25.43 0.54 -14.17
N ASN A 234 24.73 0.20 -15.25
CA ASN A 234 23.71 1.07 -15.84
C ASN A 234 22.30 0.63 -15.46
N ARG A 235 22.17 -0.36 -14.58
CA ARG A 235 20.87 -0.89 -14.17
C ARG A 235 20.48 -0.23 -12.87
N TRP A 236 19.43 0.57 -12.94
CA TRP A 236 19.16 1.48 -11.83
C TRP A 236 17.72 1.35 -11.35
N MET A 237 17.51 1.69 -10.08
CA MET A 237 16.26 2.13 -9.43
C MET A 237 15.31 0.99 -9.09
N THR A 238 15.60 -0.25 -9.48
CA THR A 238 14.74 -1.36 -9.14
C THR A 238 14.70 -1.53 -7.62
N GLY A 239 13.51 -1.36 -7.04
CA GLY A 239 13.34 -1.45 -5.61
C GLY A 239 12.11 -2.24 -5.23
N ALA A 240 11.62 -2.05 -4.01
CA ALA A 240 10.45 -2.77 -3.51
C ALA A 240 9.84 -1.85 -2.46
N TRP A 241 9.18 -0.80 -2.94
CA TRP A 241 8.75 0.30 -2.09
C TRP A 241 7.31 0.20 -1.62
N GLY A 242 6.57 -0.81 -2.07
CA GLY A 242 5.17 -0.96 -1.72
C GLY A 242 4.98 -1.77 -0.45
N GLN A 243 3.80 -2.35 -0.32
CA GLN A 243 3.37 -2.96 0.93
C GLN A 243 3.64 -4.46 0.95
N ILE A 244 4.05 -4.93 2.11
CA ILE A 244 4.42 -6.34 2.31
C ILE A 244 3.26 -7.05 2.98
N THR A 245 2.93 -8.24 2.50
CA THR A 245 1.89 -9.07 3.11
C THR A 245 2.46 -10.42 3.48
N TYR A 246 1.66 -11.24 4.17
CA TYR A 246 2.17 -12.48 4.74
C TYR A 246 1.01 -13.43 5.00
N ASP A 247 1.24 -14.72 4.75
CA ASP A 247 0.31 -15.77 5.16
C ASP A 247 0.93 -16.59 6.28
N PRO A 248 0.34 -16.60 7.48
CA PRO A 248 0.93 -17.40 8.57
C PRO A 248 0.97 -18.90 8.31
N GLU A 249 -0.07 -19.48 7.74
CA GLU A 249 -0.13 -20.94 7.62
C GLU A 249 0.91 -21.44 6.63
N LEU A 250 1.00 -20.78 5.47
CA LEU A 250 2.04 -21.11 4.51
C LEU A 250 3.41 -20.59 4.92
N ASP A 251 3.44 -19.62 5.84
CA ASP A 251 4.68 -18.96 6.27
C ASP A 251 5.43 -18.39 5.08
N LEU A 252 4.72 -17.58 4.28
CA LEU A 252 5.28 -16.94 3.11
C LEU A 252 5.00 -15.44 3.19
N VAL A 253 6.06 -14.66 2.99
CA VAL A 253 5.98 -13.21 2.86
C VAL A 253 5.89 -12.86 1.39
N TYR A 254 5.05 -11.89 1.04
CA TYR A 254 4.83 -11.50 -0.34
C TYR A 254 5.19 -10.03 -0.52
N TYR A 255 6.02 -9.76 -1.52
CA TYR A 255 6.33 -8.39 -1.92
C TYR A 255 6.58 -8.38 -3.42
N GLY A 256 6.63 -7.20 -3.98
CA GLY A 256 6.94 -7.04 -5.40
C GLY A 256 8.05 -6.05 -5.63
N SER A 257 8.87 -6.32 -6.64
CA SER A 257 9.90 -5.38 -7.06
C SER A 257 9.34 -4.45 -8.14
N THR A 258 10.12 -3.44 -8.50
CA THR A 258 9.64 -2.44 -9.43
C THR A 258 10.45 -2.47 -10.71
N GLY A 259 10.34 -1.40 -11.49
CA GLY A 259 10.99 -1.34 -12.77
C GLY A 259 12.41 -0.83 -12.70
N ALA A 260 13.01 -0.69 -13.85
CA ALA A 260 14.33 -0.10 -13.97
C ALA A 260 14.18 1.32 -14.52
N GLY A 261 15.15 2.16 -14.16
CA GLY A 261 15.14 3.58 -14.46
C GLY A 261 16.25 3.96 -15.44
N PRO A 262 16.16 4.95 -16.36
CA PRO A 262 14.94 5.68 -16.76
C PRO A 262 13.88 4.79 -17.42
N ALA A 263 12.68 5.28 -17.57
CA ALA A 263 11.60 4.45 -18.08
C ALA A 263 11.83 4.01 -19.52
N SER A 264 12.47 4.84 -20.33
CA SER A 264 12.66 4.50 -21.73
C SER A 264 13.79 3.47 -21.87
N GLU A 265 13.47 2.33 -22.48
CA GLU A 265 14.49 1.31 -22.68
C GLU A 265 15.61 1.80 -23.59
N VAL A 266 15.32 2.73 -24.51
CA VAL A 266 16.39 3.28 -25.33
C VAL A 266 17.39 4.05 -24.46
N GLN A 267 16.88 4.85 -23.53
CA GLN A 267 17.77 5.62 -22.66
C GLN A 267 18.50 4.72 -21.68
N ARG A 268 17.91 3.61 -21.30
CA ARG A 268 18.59 2.69 -20.37
C ARG A 268 19.58 1.81 -21.12
N GLY A 269 19.45 1.69 -22.42
CA GLY A 269 20.26 0.73 -23.16
C GLY A 269 19.86 -0.72 -22.96
N THR A 270 18.57 -0.98 -22.73
CA THR A 270 18.05 -2.35 -22.56
C THR A 270 17.05 -2.72 -23.66
N GLU A 271 17.25 -2.21 -24.87
CA GLU A 271 16.29 -2.47 -25.95
C GLU A 271 16.00 -3.95 -26.09
N GLY A 272 14.71 -4.28 -26.16
CA GLY A 272 14.25 -5.65 -26.26
C GLY A 272 14.28 -6.44 -24.97
N GLY A 273 14.82 -5.89 -23.88
CA GLY A 273 15.05 -6.67 -22.68
C GLY A 273 13.83 -6.76 -21.78
N THR A 274 13.52 -7.98 -21.33
CA THR A 274 12.40 -8.16 -20.42
C THR A 274 12.75 -7.88 -18.96
N LEU A 275 14.05 -7.78 -18.64
CA LEU A 275 14.52 -7.25 -17.38
C LEU A 275 14.20 -8.14 -16.17
N ALA A 276 14.63 -9.39 -16.25
CA ALA A 276 14.40 -10.31 -15.16
C ALA A 276 14.82 -9.68 -13.83
N GLY A 277 13.99 -9.88 -12.81
CA GLY A 277 14.18 -9.29 -11.51
C GLY A 277 13.27 -8.09 -11.26
N THR A 278 12.91 -7.38 -12.32
CA THR A 278 12.04 -6.22 -12.19
C THR A 278 10.57 -6.64 -12.19
N ASN A 279 9.77 -5.84 -11.52
CA ASN A 279 8.31 -5.96 -11.57
C ASN A 279 7.87 -7.39 -11.35
N THR A 280 8.45 -8.00 -10.32
CA THR A 280 8.27 -9.42 -10.04
C THR A 280 7.66 -9.57 -8.65
N ARG A 281 6.69 -10.48 -8.57
CA ARG A 281 6.04 -10.84 -7.31
C ARG A 281 6.78 -12.01 -6.68
N PHE A 282 7.32 -11.80 -5.50
CA PHE A 282 8.08 -12.82 -4.78
C PHE A 282 7.30 -13.32 -3.56
N ALA A 283 7.45 -14.61 -3.29
CA ALA A 283 6.98 -15.25 -2.06
C ALA A 283 8.22 -15.82 -1.38
N VAL A 284 8.53 -15.35 -0.17
CA VAL A 284 9.81 -15.67 0.45
C VAL A 284 9.59 -16.15 1.88
N LYS A 285 10.57 -16.88 2.40
CA LYS A 285 10.55 -17.30 3.79
C LYS A 285 11.00 -16.15 4.68
N PRO A 286 10.27 -15.86 5.78
CA PRO A 286 10.61 -14.67 6.58
C PRO A 286 11.90 -14.76 7.37
N LYS A 287 12.33 -15.95 7.74
CA LYS A 287 13.54 -16.02 8.59
C LYS A 287 14.82 -15.89 7.80
N THR A 288 14.80 -16.26 6.54
CA THR A 288 16.02 -16.25 5.72
C THR A 288 15.94 -15.39 4.45
N GLY A 289 14.74 -14.99 4.05
CA GLY A 289 14.59 -14.38 2.74
C GLY A 289 14.62 -15.33 1.57
N GLU A 290 14.66 -16.64 1.80
CA GLU A 290 14.71 -17.58 0.69
C GLU A 290 13.49 -17.45 -0.21
N VAL A 291 13.71 -17.38 -1.52
CA VAL A 291 12.62 -17.24 -2.48
C VAL A 291 12.04 -18.62 -2.76
N VAL A 292 10.73 -18.73 -2.60
CA VAL A 292 9.99 -19.97 -2.80
C VAL A 292 9.36 -20.02 -4.18
N TRP A 293 8.70 -18.92 -4.57
CA TRP A 293 8.21 -18.77 -5.92
C TRP A 293 8.20 -17.30 -6.31
N LYS A 294 8.13 -17.08 -7.62
CA LYS A 294 8.10 -15.71 -8.13
C LYS A 294 7.46 -15.71 -9.51
N HIS A 295 6.92 -14.55 -9.87
CA HIS A 295 6.32 -14.37 -11.20
C HIS A 295 6.45 -12.92 -11.61
N GLN A 296 6.95 -12.69 -12.83
CA GLN A 296 7.09 -11.33 -13.35
C GLN A 296 5.77 -10.88 -13.95
N THR A 297 5.12 -9.87 -13.35
CA THR A 297 3.78 -9.39 -13.76
C THR A 297 3.84 -8.23 -14.76
N LEU A 298 5.02 -7.65 -15.01
CA LEU A 298 5.23 -6.59 -16.04
C LEU A 298 6.68 -6.60 -16.54
N PRO A 299 7.01 -7.38 -17.58
CA PRO A 299 8.33 -7.39 -18.16
C PRO A 299 8.53 -6.17 -19.06
N ARG A 300 9.78 -5.85 -19.33
CA ARG A 300 10.16 -4.81 -20.31
C ARG A 300 9.44 -3.51 -19.97
N ASP A 301 9.41 -3.14 -18.72
CA ASP A 301 8.64 -1.95 -18.31
C ASP A 301 9.26 -0.68 -18.90
N ASN A 302 8.46 0.06 -19.66
CA ASN A 302 8.80 1.38 -20.17
C ASN A 302 7.88 2.46 -19.58
N TRP A 303 7.16 2.14 -18.50
CA TRP A 303 6.06 3.00 -18.06
C TRP A 303 6.03 3.23 -16.56
N ASP A 304 7.11 2.93 -15.84
CA ASP A 304 7.18 3.16 -14.40
C ASP A 304 5.99 2.49 -13.70
N SER A 305 5.79 1.20 -14.01
CA SER A 305 4.57 0.50 -13.65
C SER A 305 4.58 -0.06 -12.23
N GLU A 306 5.75 -0.29 -11.65
CA GLU A 306 5.99 -0.48 -10.22
C GLU A 306 5.19 -1.57 -9.51
N CYS A 307 5.44 -2.84 -9.81
CA CYS A 307 4.54 -3.95 -9.49
C CYS A 307 4.76 -4.30 -8.03
N THR A 308 4.70 -3.31 -7.16
CA THR A 308 5.08 -3.45 -5.76
C THR A 308 3.91 -3.29 -4.79
N PHE A 309 2.69 -3.22 -5.29
CA PHE A 309 1.59 -2.90 -4.40
C PHE A 309 1.08 -4.17 -3.71
N GLU A 310 0.28 -3.95 -2.68
CA GLU A 310 -0.10 -5.06 -1.83
C GLU A 310 -0.85 -6.11 -2.61
N MET A 311 -0.60 -7.38 -2.26
CA MET A 311 -1.37 -8.45 -2.84
C MET A 311 -1.92 -9.25 -1.65
N MET A 312 -3.20 -9.58 -1.68
CA MET A 312 -3.96 -10.24 -0.63
C MET A 312 -3.91 -11.76 -0.67
N VAL A 313 -3.96 -12.35 0.51
CA VAL A 313 -4.11 -13.80 0.65
C VAL A 313 -5.53 -14.06 1.11
N VAL A 314 -6.31 -14.75 0.28
CA VAL A 314 -7.71 -15.04 0.55
C VAL A 314 -7.99 -16.45 0.10
N SER A 315 -9.01 -17.07 0.69
CA SER A 315 -9.47 -18.38 0.26
C SER A 315 -10.74 -18.20 -0.56
N THR A 316 -10.79 -18.81 -1.75
CA THR A 316 -11.92 -18.62 -2.64
C THR A 316 -12.19 -19.88 -3.42
N THR A 317 -13.46 -20.08 -3.79
CA THR A 317 -13.74 -20.98 -4.91
C THR A 317 -13.09 -20.38 -6.17
N VAL A 318 -12.45 -21.23 -6.97
CA VAL A 318 -11.77 -20.79 -8.18
C VAL A 318 -12.68 -21.05 -9.37
N ASN A 319 -13.19 -19.97 -9.98
CA ASN A 319 -14.14 -20.14 -11.07
C ASN A 319 -14.10 -18.96 -12.05
N PRO A 320 -12.95 -18.65 -12.61
CA PRO A 320 -12.86 -17.47 -13.48
C PRO A 320 -13.75 -17.56 -14.70
N ASP A 321 -14.43 -16.45 -14.98
CA ASP A 321 -15.26 -16.31 -16.18
C ASP A 321 -14.41 -15.76 -17.30
N ALA A 322 -14.05 -16.62 -18.27
CA ALA A 322 -13.23 -16.20 -19.39
C ALA A 322 -13.86 -15.05 -20.16
N GLY A 323 -15.16 -14.86 -20.03
CA GLY A 323 -15.88 -13.79 -20.69
C GLY A 323 -16.14 -12.56 -19.86
N ALA A 324 -15.61 -12.49 -18.64
CA ALA A 324 -15.77 -11.28 -17.84
C ALA A 324 -15.07 -10.09 -18.48
N ASP A 325 -15.62 -8.90 -18.24
CA ASP A 325 -15.03 -7.69 -18.79
C ASP A 325 -13.57 -7.58 -18.38
N GLY A 326 -12.71 -7.36 -19.37
CA GLY A 326 -11.31 -7.13 -19.10
C GLY A 326 -10.47 -8.37 -18.89
N MET A 327 -11.08 -9.54 -18.88
CA MET A 327 -10.32 -10.78 -18.63
C MET A 327 -9.21 -10.91 -19.68
N MET A 328 -7.95 -11.11 -19.28
CA MET A 328 -6.84 -11.14 -20.18
C MET A 328 -6.61 -12.58 -20.60
N SER A 329 -6.65 -13.51 -19.64
CA SER A 329 -6.57 -14.93 -19.92
C SER A 329 -6.89 -15.69 -18.64
N VAL A 330 -7.17 -16.98 -18.81
CA VAL A 330 -7.42 -17.91 -17.71
C VAL A 330 -6.34 -18.98 -17.77
N GLY A 331 -5.82 -19.36 -16.60
CA GLY A 331 -4.70 -20.27 -16.57
C GLY A 331 -5.03 -21.64 -17.15
N ALA A 332 -4.03 -22.22 -17.81
CA ALA A 332 -4.21 -23.44 -18.60
C ALA A 332 -4.91 -24.55 -17.82
N ASN A 333 -4.47 -24.82 -16.60
CA ASN A 333 -5.07 -25.92 -15.84
C ASN A 333 -5.63 -25.41 -14.52
N VAL A 334 -6.35 -24.30 -14.59
CA VAL A 334 -6.94 -23.73 -13.38
C VAL A 334 -7.81 -24.78 -12.68
N PRO A 335 -7.80 -24.87 -11.35
CA PRO A 335 -8.56 -25.93 -10.66
C PRO A 335 -10.01 -25.55 -10.46
N ARG A 336 -10.76 -25.55 -11.56
CA ARG A 336 -12.07 -24.93 -11.56
C ARG A 336 -13.01 -25.63 -10.59
N GLY A 337 -13.72 -24.83 -9.80
CA GLY A 337 -14.66 -25.34 -8.84
C GLY A 337 -14.07 -25.72 -7.49
N GLU A 338 -12.74 -25.80 -7.39
CA GLU A 338 -12.11 -26.13 -6.12
C GLU A 338 -11.90 -24.87 -5.30
N THR A 339 -11.68 -25.06 -4.01
CA THR A 339 -11.32 -23.97 -3.12
C THR A 339 -9.80 -23.91 -3.00
N ARG A 340 -9.25 -22.71 -3.13
CA ARG A 340 -7.82 -22.53 -2.99
C ARG A 340 -7.53 -21.28 -2.17
N LYS A 341 -6.42 -21.32 -1.44
CA LYS A 341 -5.82 -20.10 -0.91
C LYS A 341 -5.02 -19.44 -2.03
N VAL A 342 -5.38 -18.21 -2.34
CA VAL A 342 -4.82 -17.50 -3.49
C VAL A 342 -4.13 -16.23 -3.03
N LEU A 343 -3.16 -15.80 -3.83
CA LEU A 343 -2.59 -14.46 -3.76
C LEU A 343 -3.23 -13.68 -4.89
N THR A 344 -3.94 -12.59 -4.55
CA THR A 344 -4.77 -11.94 -5.54
C THR A 344 -4.80 -10.43 -5.32
N GLY A 345 -4.98 -9.71 -6.40
CA GLY A 345 -5.09 -8.27 -6.38
C GLY A 345 -4.41 -7.66 -7.58
N VAL A 346 -4.33 -6.34 -7.57
CA VAL A 346 -3.71 -5.57 -8.65
C VAL A 346 -2.31 -5.18 -8.18
N PRO A 347 -1.23 -5.75 -8.75
CA PRO A 347 0.11 -5.45 -8.23
C PRO A 347 0.76 -4.21 -8.81
N CYS A 348 0.30 -3.73 -9.99
CA CYS A 348 1.04 -2.73 -10.73
C CYS A 348 0.11 -1.55 -11.06
N LYS A 349 0.71 -0.41 -11.42
CA LYS A 349 -0.11 0.75 -11.76
C LYS A 349 -1.05 0.49 -12.91
N THR A 350 -0.68 -0.44 -13.79
CA THR A 350 -1.41 -0.74 -15.00
C THR A 350 -2.87 -1.10 -14.72
N GLY A 351 -3.16 -1.61 -13.54
CA GLY A 351 -4.52 -1.89 -13.17
C GLY A 351 -4.98 -3.31 -13.40
N VAL A 352 -4.08 -4.19 -13.82
CA VAL A 352 -4.45 -5.57 -14.09
C VAL A 352 -4.45 -6.35 -12.77
N ALA A 353 -5.61 -6.94 -12.46
CA ALA A 353 -5.73 -7.84 -11.33
C ALA A 353 -5.24 -9.23 -11.71
N TRP A 354 -4.53 -9.88 -10.80
CA TRP A 354 -3.98 -11.21 -10.97
C TRP A 354 -4.45 -12.13 -9.87
N GLN A 355 -4.48 -13.43 -10.15
CA GLN A 355 -4.74 -14.42 -9.12
C GLN A 355 -3.80 -15.60 -9.32
N PHE A 356 -3.08 -15.95 -8.26
CA PHE A 356 -2.16 -17.09 -8.24
C PHE A 356 -2.52 -18.01 -7.09
N ASP A 357 -2.16 -19.29 -7.21
CA ASP A 357 -2.10 -20.13 -6.03
C ASP A 357 -1.07 -19.55 -5.06
N ALA A 358 -1.48 -19.32 -3.80
CA ALA A 358 -0.60 -18.64 -2.85
C ALA A 358 0.61 -19.49 -2.50
N GLU A 359 0.47 -20.80 -2.52
CA GLU A 359 1.53 -21.71 -2.10
C GLU A 359 2.51 -21.99 -3.23
N THR A 360 2.00 -22.19 -4.45
CA THR A 360 2.83 -22.63 -5.55
C THR A 360 3.12 -21.57 -6.59
N GLY A 361 2.33 -20.50 -6.64
CA GLY A 361 2.48 -19.54 -7.71
C GLY A 361 1.82 -19.90 -9.03
N ASP A 362 1.11 -21.03 -9.10
CA ASP A 362 0.41 -21.35 -10.33
C ASP A 362 -0.52 -20.21 -10.71
N TYR A 363 -0.55 -19.89 -12.01
CA TYR A 363 -1.34 -18.78 -12.53
C TYR A 363 -2.79 -19.20 -12.76
N PHE A 364 -3.72 -18.45 -12.16
CA PHE A 364 -5.15 -18.74 -12.32
C PHE A 364 -5.83 -17.80 -13.31
N TRP A 365 -5.62 -16.49 -13.20
CA TRP A 365 -6.19 -15.56 -14.17
C TRP A 365 -5.67 -14.14 -13.98
N SER A 366 -5.95 -13.28 -14.95
CA SER A 366 -5.68 -11.85 -14.86
C SER A 366 -6.75 -11.08 -15.62
N LYS A 367 -7.01 -9.86 -15.16
CA LYS A 367 -8.12 -9.03 -15.65
C LYS A 367 -7.80 -7.53 -15.61
N ALA A 368 -7.95 -6.84 -16.72
CA ALA A 368 -7.77 -5.39 -16.72
C ALA A 368 -8.96 -4.68 -16.09
N THR A 369 -8.67 -3.52 -15.50
CA THR A 369 -9.70 -2.67 -14.92
C THR A 369 -9.77 -1.39 -15.73
N VAL A 370 -8.95 -0.37 -15.40
CA VAL A 370 -8.86 0.85 -16.17
C VAL A 370 -8.40 0.55 -17.60
N GLU A 371 -8.67 1.51 -18.48
CA GLU A 371 -8.07 1.49 -19.80
C GLU A 371 -6.55 1.43 -19.66
N GLN A 372 -5.94 0.50 -20.38
CA GLN A 372 -4.49 0.32 -20.37
C GLN A 372 -4.04 -0.11 -21.76
N ASN A 373 -2.85 0.33 -22.15
CA ASN A 373 -2.31 -0.11 -23.43
C ASN A 373 -0.82 -0.43 -23.39
N SER A 374 -0.25 -0.70 -22.20
CA SER A 374 1.10 -1.22 -22.18
C SER A 374 1.15 -2.74 -22.35
N ILE A 375 0.08 -3.44 -22.00
CA ILE A 375 0.04 -4.91 -22.10
C ILE A 375 -0.81 -5.28 -23.32
N ALA A 376 -0.16 -5.97 -24.27
CA ALA A 376 -0.85 -6.45 -25.46
C ALA A 376 -1.64 -7.72 -25.18
N SER A 377 -1.06 -8.65 -24.41
CA SER A 377 -1.75 -9.87 -24.07
C SER A 377 -1.04 -10.54 -22.91
N ILE A 378 -1.75 -11.46 -22.26
CA ILE A 378 -1.21 -12.34 -21.25
C ILE A 378 -1.67 -13.74 -21.62
N ASP A 379 -0.74 -14.69 -21.70
CA ASP A 379 -1.07 -16.04 -22.14
C ASP A 379 -1.56 -16.89 -20.97
N ASP A 380 -1.90 -18.15 -21.24
CA ASP A 380 -2.51 -19.01 -20.23
C ASP A 380 -1.52 -19.55 -19.21
N LYS A 381 -0.27 -19.10 -19.27
CA LYS A 381 0.71 -19.37 -18.24
C LYS A 381 1.09 -18.10 -17.49
N GLY A 382 0.45 -16.97 -17.81
CA GLY A 382 0.75 -15.73 -17.15
C GLY A 382 1.91 -14.97 -17.73
N LEU A 383 2.36 -15.33 -18.93
CA LEU A 383 3.43 -14.61 -19.58
C LEU A 383 2.86 -13.37 -20.26
N VAL A 384 3.36 -12.21 -19.87
CA VAL A 384 2.89 -10.94 -20.39
C VAL A 384 3.68 -10.58 -21.64
N THR A 385 2.97 -10.17 -22.69
CA THR A 385 3.57 -9.58 -23.88
C THR A 385 3.19 -8.09 -23.90
N VAL A 386 4.20 -7.23 -23.89
CA VAL A 386 3.96 -5.79 -23.88
C VAL A 386 3.66 -5.29 -25.29
N ASN A 387 3.05 -4.10 -25.34
CA ASN A 387 2.67 -3.44 -26.58
C ASN A 387 3.85 -2.64 -27.12
N GLU A 388 4.45 -3.15 -28.20
CA GLU A 388 5.63 -2.51 -28.79
C GLU A 388 5.35 -1.08 -29.22
N ASP A 389 4.10 -0.76 -29.54
CA ASP A 389 3.79 0.57 -30.04
C ASP A 389 3.80 1.64 -28.94
N MET A 390 3.85 1.24 -27.66
CA MET A 390 4.00 2.16 -26.53
C MET A 390 5.41 2.25 -25.99
N ILE A 391 6.39 1.75 -26.72
CA ILE A 391 7.81 1.90 -26.38
C ILE A 391 8.34 3.08 -27.18
N LEU A 392 8.96 4.04 -26.49
CA LEU A 392 9.43 5.25 -27.17
C LEU A 392 10.58 4.91 -28.10
N LYS A 393 10.38 5.16 -29.39
CA LYS A 393 11.40 4.92 -30.40
C LYS A 393 11.63 6.21 -31.16
N GLU A 394 10.83 6.58 -32.19
CA GLU A 394 11.03 7.84 -32.95
C GLU A 394 10.64 9.01 -32.06
N PRO A 395 11.38 10.14 -32.08
CA PRO A 395 11.06 11.29 -31.22
C PRO A 395 9.82 12.09 -31.65
N GLY A 396 9.41 12.01 -32.92
CA GLY A 396 8.30 12.79 -33.41
C GLY A 396 6.92 12.14 -33.31
N LYS A 397 6.85 10.87 -32.92
CA LYS A 397 5.57 10.18 -32.91
C LYS A 397 4.79 10.49 -31.62
N ASP A 398 3.47 10.33 -31.70
CA ASP A 398 2.58 10.52 -30.56
C ASP A 398 2.39 9.19 -29.84
N TYR A 399 2.67 9.19 -28.53
CA TYR A 399 2.58 7.97 -27.71
C TYR A 399 1.54 8.24 -26.63
N ASN A 400 0.31 7.83 -26.92
CA ASN A 400 -0.81 8.10 -26.03
C ASN A 400 -0.99 6.88 -25.13
N TYR A 401 -0.27 6.90 -24.01
CA TYR A 401 -0.26 5.81 -23.05
C TYR A 401 -1.44 5.91 -22.09
N CYS A 402 -1.98 4.75 -21.73
CA CYS A 402 -2.95 4.61 -20.64
C CYS A 402 -2.42 3.48 -19.76
N PRO A 403 -2.39 3.64 -18.42
CA PRO A 403 -2.89 4.80 -17.65
C PRO A 403 -1.82 5.90 -17.52
N THR A 404 -1.28 6.12 -16.32
CA THR A 404 -0.29 7.15 -16.14
C THR A 404 0.73 6.68 -15.11
N PHE A 405 1.69 7.55 -14.82
CA PHE A 405 2.65 7.22 -13.77
C PHE A 405 2.04 7.26 -12.37
N LEU A 406 0.80 7.73 -12.21
CA LEU A 406 0.06 7.55 -10.98
C LEU A 406 -1.09 6.56 -11.12
N GLY A 407 -1.09 5.75 -12.18
CA GLY A 407 -2.17 4.81 -12.44
C GLY A 407 -3.38 5.48 -13.06
N GLY A 408 -4.48 4.73 -13.18
CA GLY A 408 -4.57 3.33 -12.80
C GLY A 408 -4.68 3.16 -11.31
N ARG A 409 -3.95 2.20 -10.74
CA ARG A 409 -3.77 2.17 -9.29
C ARG A 409 -2.41 2.78 -8.97
N ASP A 410 -2.21 3.13 -7.72
CA ASP A 410 -0.87 3.42 -7.21
C ASP A 410 -0.85 2.86 -5.80
N TRP A 411 0.04 3.34 -4.94
CA TRP A 411 0.11 2.78 -3.59
C TRP A 411 -1.25 2.72 -2.88
N PRO A 412 -2.23 3.60 -3.11
CA PRO A 412 -3.46 3.52 -2.29
C PRO A 412 -4.13 2.15 -2.37
N SER A 413 -4.29 1.51 -1.21
CA SER A 413 -4.58 0.08 -1.15
C SER A 413 -6.05 -0.26 -1.39
N ALA A 414 -6.25 -1.48 -1.89
CA ALA A 414 -7.53 -2.14 -2.00
C ALA A 414 -7.98 -2.72 -0.67
N GLY A 415 -9.24 -3.17 -0.65
CA GLY A 415 -9.80 -3.86 0.49
C GLY A 415 -10.60 -5.07 0.03
N TYR A 416 -10.82 -5.99 0.94
CA TYR A 416 -11.53 -7.23 0.69
C TYR A 416 -12.76 -7.30 1.57
N LEU A 417 -13.87 -7.79 0.99
CA LEU A 417 -15.11 -8.05 1.72
C LEU A 417 -15.32 -9.55 1.78
N PRO A 418 -14.94 -10.22 2.87
CA PRO A 418 -15.09 -11.69 2.91
C PRO A 418 -16.53 -12.17 2.82
N LYS A 419 -17.51 -11.36 3.25
CA LYS A 419 -18.89 -11.84 3.23
C LYS A 419 -19.42 -11.97 1.80
N SER A 420 -18.93 -11.14 0.88
CA SER A 420 -19.35 -11.19 -0.51
C SER A 420 -18.22 -11.61 -1.46
N ASN A 421 -17.03 -11.84 -0.94
CA ASN A 421 -15.89 -12.28 -1.73
C ASN A 421 -15.52 -11.26 -2.80
N LEU A 422 -15.53 -9.98 -2.42
CA LEU A 422 -15.28 -8.88 -3.34
C LEU A 422 -13.97 -8.19 -3.02
N TYR A 423 -13.18 -7.95 -4.06
CA TYR A 423 -11.94 -7.18 -4.00
C TYR A 423 -12.25 -5.77 -4.50
N VAL A 424 -11.99 -4.78 -3.65
CA VAL A 424 -12.43 -3.41 -3.89
C VAL A 424 -11.20 -2.52 -4.01
N ILE A 425 -11.02 -1.92 -5.19
CA ILE A 425 -9.79 -1.20 -5.50
C ILE A 425 -10.02 0.25 -5.96
N PRO A 426 -9.34 1.22 -5.36
CA PRO A 426 -9.43 2.60 -5.84
C PRO A 426 -8.49 2.82 -7.02
N LEU A 427 -8.99 3.55 -8.02
CA LEU A 427 -8.36 3.69 -9.31
C LEU A 427 -8.52 5.12 -9.80
N SER A 428 -7.73 5.46 -10.82
CA SER A 428 -7.83 6.73 -11.53
C SER A 428 -8.02 6.46 -13.02
N ASN A 429 -9.05 7.08 -13.61
CA ASN A 429 -9.36 6.94 -15.03
C ASN A 429 -8.51 7.92 -15.85
N ALA A 430 -7.20 7.73 -15.85
CA ALA A 430 -6.28 8.69 -16.44
C ALA A 430 -5.38 8.06 -17.50
N CYS A 431 -4.94 8.91 -18.45
CA CYS A 431 -3.97 8.55 -19.48
C CYS A 431 -3.06 9.76 -19.65
N TYR A 432 -1.93 9.63 -20.32
CA TYR A 432 -1.12 10.84 -20.64
C TYR A 432 -0.23 10.56 -21.84
N ASP A 433 0.38 11.64 -22.27
CA ASP A 433 1.34 11.59 -23.40
C ASP A 433 2.69 11.11 -22.89
N LEU A 434 3.09 9.93 -23.33
CA LEU A 434 4.41 9.38 -22.97
C LEU A 434 5.49 10.19 -23.71
N VAL A 453 -1.64 15.05 -18.37
CA VAL A 453 -2.61 14.12 -17.81
C VAL A 453 -4.01 14.45 -18.30
N LYS A 454 -4.76 13.41 -18.66
CA LYS A 454 -6.11 13.60 -19.16
C LYS A 454 -6.99 12.45 -18.72
N LEU A 455 -8.29 12.69 -18.80
CA LEU A 455 -9.24 11.61 -18.59
C LEU A 455 -9.09 10.57 -19.70
N ALA A 456 -9.20 9.30 -19.32
CA ALA A 456 -9.20 8.24 -20.31
C ALA A 456 -10.39 8.39 -21.25
N PRO A 457 -10.27 7.89 -22.48
CA PRO A 457 -11.35 8.07 -23.45
C PRO A 457 -12.68 7.51 -22.94
N GLY A 458 -13.72 8.33 -23.05
CA GLY A 458 -15.05 7.95 -22.62
C GLY A 458 -15.34 8.13 -21.16
N LYS A 459 -14.36 8.59 -20.38
CA LYS A 459 -14.53 8.78 -18.95
C LYS A 459 -14.72 10.27 -18.64
N THR A 460 -15.77 10.59 -17.91
CA THR A 460 -15.94 11.94 -17.38
C THR A 460 -15.49 12.04 -15.93
N ASN A 461 -15.35 10.91 -15.26
CA ASN A 461 -15.03 10.83 -13.85
C ASN A 461 -13.61 10.30 -13.69
N MET A 462 -12.79 11.06 -12.99
CA MET A 462 -11.42 10.59 -12.72
C MET A 462 -11.37 9.55 -11.63
N GLY A 463 -12.13 9.75 -10.56
CA GLY A 463 -12.09 8.85 -9.42
C GLY A 463 -12.99 7.64 -9.63
N ARG A 464 -12.50 6.49 -9.18
CA ARG A 464 -13.16 5.22 -9.45
C ARG A 464 -12.81 4.22 -8.37
N VAL A 465 -13.80 3.41 -8.01
CA VAL A 465 -13.60 2.24 -7.15
C VAL A 465 -14.31 1.08 -7.83
N ASP A 466 -13.57 0.02 -8.11
CA ASP A 466 -14.15 -1.19 -8.69
C ASP A 466 -14.23 -2.28 -7.63
N ALA A 467 -15.32 -3.05 -7.67
CA ALA A 467 -15.51 -4.20 -6.79
C ALA A 467 -15.59 -5.44 -7.68
N ILE A 468 -14.64 -6.35 -7.50
CA ILE A 468 -14.44 -7.49 -8.38
C ILE A 468 -14.66 -8.78 -7.58
N ASP A 469 -15.45 -9.70 -8.16
CA ASP A 469 -15.66 -11.02 -7.57
C ASP A 469 -14.37 -11.82 -7.66
N VAL A 470 -13.84 -12.21 -6.52
CA VAL A 470 -12.56 -12.92 -6.48
C VAL A 470 -12.68 -14.32 -7.08
N ALA A 471 -13.88 -14.92 -7.08
CA ALA A 471 -14.03 -16.25 -7.65
C ALA A 471 -14.12 -16.23 -9.16
N THR A 472 -14.79 -15.22 -9.74
CA THR A 472 -15.04 -15.22 -11.17
C THR A 472 -14.29 -14.15 -11.95
N GLY A 473 -13.78 -13.13 -11.30
CA GLY A 473 -13.19 -12.01 -11.99
C GLY A 473 -14.17 -10.98 -12.54
N ALA A 474 -15.47 -11.18 -12.35
CA ALA A 474 -16.45 -10.23 -12.85
C ALA A 474 -16.50 -8.99 -11.96
N THR A 475 -16.65 -7.82 -12.58
CA THR A 475 -16.82 -6.59 -11.83
C THR A 475 -18.29 -6.46 -11.44
N LYS A 476 -18.55 -6.39 -10.15
CA LYS A 476 -19.92 -6.38 -9.66
C LYS A 476 -20.47 -4.96 -9.54
N TRP A 477 -19.61 -4.01 -9.21
CA TRP A 477 -20.01 -2.61 -9.24
C TRP A 477 -18.80 -1.71 -9.39
N SER A 478 -19.07 -0.48 -9.78
CA SER A 478 -18.03 0.53 -9.93
C SER A 478 -18.63 1.86 -9.49
N PHE A 479 -17.99 2.49 -8.51
CA PHE A 479 -18.30 3.85 -8.10
C PHE A 479 -17.36 4.82 -8.82
N GLU A 480 -17.91 5.91 -9.32
CA GLU A 480 -17.11 6.90 -10.03
C GLU A 480 -17.52 8.30 -9.59
N THR A 481 -16.54 9.22 -9.58
CA THR A 481 -16.79 10.60 -9.18
C THR A 481 -15.82 11.51 -9.93
N GLU A 482 -16.16 12.79 -10.01
CA GLU A 482 -15.41 13.71 -10.85
C GLU A 482 -13.93 13.79 -10.43
N ALA A 483 -13.68 14.05 -9.15
CA ALA A 483 -12.33 14.22 -8.66
C ALA A 483 -11.61 12.89 -8.56
N ALA A 484 -10.29 12.94 -8.71
CA ALA A 484 -9.49 11.77 -8.39
C ALA A 484 -9.66 11.40 -6.91
N LEU A 485 -9.61 10.09 -6.64
CA LEU A 485 -9.67 9.61 -5.26
C LEU A 485 -8.24 9.58 -4.73
N TYR A 486 -7.42 8.66 -5.24
CA TYR A 486 -5.99 8.57 -4.88
C TYR A 486 -5.83 8.39 -3.37
N ASP A 487 -6.56 7.42 -2.83
CA ASP A 487 -6.64 7.23 -1.40
C ASP A 487 -7.10 5.81 -1.12
N PRO A 488 -6.59 5.14 -0.07
CA PRO A 488 -6.98 3.75 0.15
C PRO A 488 -8.46 3.60 0.52
N VAL A 489 -8.93 2.36 0.38
CA VAL A 489 -10.24 1.99 0.88
C VAL A 489 -10.08 1.25 2.20
N MET A 490 -11.17 1.23 2.96
CA MET A 490 -11.33 0.30 4.08
C MET A 490 -12.69 -0.35 3.91
N THR A 491 -12.74 -1.68 3.98
CA THR A 491 -13.98 -2.42 3.89
C THR A 491 -14.43 -2.83 5.29
N THR A 492 -15.72 -2.95 5.51
CA THR A 492 -16.20 -3.27 6.85
C THR A 492 -17.29 -4.32 6.80
N ALA A 493 -17.48 -4.96 7.94
CA ALA A 493 -18.51 -5.99 8.17
C ALA A 493 -19.86 -5.36 8.22
N GLY A 494 -19.97 -4.01 8.35
CA GLY A 494 -21.21 -3.28 8.31
C GLY A 494 -21.71 -3.02 6.92
N ASP A 495 -21.09 -3.70 5.94
CA ASP A 495 -21.46 -3.58 4.53
C ASP A 495 -21.14 -2.19 3.99
N LEU A 496 -19.95 -1.71 4.34
CA LEU A 496 -19.49 -0.39 3.96
C LEU A 496 -18.10 -0.43 3.36
N VAL A 497 -17.84 0.53 2.48
CA VAL A 497 -16.51 0.80 1.95
C VAL A 497 -16.23 2.27 2.20
N PHE A 498 -15.17 2.58 2.93
CA PHE A 498 -14.77 3.96 3.14
C PHE A 498 -13.66 4.31 2.15
N VAL A 499 -13.70 5.54 1.62
CA VAL A 499 -12.67 5.99 0.69
C VAL A 499 -12.66 7.52 0.68
N GLY A 500 -11.46 8.09 0.53
CA GLY A 500 -11.26 9.52 0.47
C GLY A 500 -10.93 10.01 -0.94
N SER A 501 -10.95 11.33 -1.10
CA SER A 501 -10.71 11.93 -2.40
C SER A 501 -9.80 13.16 -2.33
N THR A 502 -9.24 13.49 -3.49
CA THR A 502 -8.33 14.63 -3.61
C THR A 502 -9.05 15.94 -3.33
N ASP A 503 -10.35 15.96 -3.55
CA ASP A 503 -11.15 17.16 -3.26
C ASP A 503 -11.86 17.06 -1.91
N ARG A 504 -11.21 16.39 -0.97
CA ARG A 504 -11.36 16.43 0.51
C ARG A 504 -12.61 15.66 0.96
N MET A 505 -13.23 14.87 0.10
CA MET A 505 -14.46 14.21 0.50
C MET A 505 -14.12 12.82 1.06
N PHE A 506 -14.61 12.54 2.25
CA PHE A 506 -14.45 11.24 2.90
C PHE A 506 -15.81 10.58 2.86
N ARG A 507 -15.90 9.45 2.17
CA ARG A 507 -17.17 8.83 1.84
C ARG A 507 -17.27 7.43 2.42
N ALA A 508 -18.49 7.03 2.73
CA ALA A 508 -18.84 5.63 2.89
C ALA A 508 -19.76 5.23 1.75
N LEU A 509 -19.44 4.10 1.12
CA LEU A 509 -20.24 3.50 0.07
C LEU A 509 -20.92 2.24 0.59
N ASP A 510 -22.08 1.94 0.05
CA ASP A 510 -22.75 0.67 0.29
C ASP A 510 -21.94 -0.44 -0.38
N ALA A 511 -21.48 -1.41 0.40
CA ALA A 511 -20.61 -2.43 -0.13
C ALA A 511 -21.28 -3.35 -1.13
N GLU A 512 -22.61 -3.35 -1.19
CA GLU A 512 -23.35 -4.19 -2.13
C GLU A 512 -23.56 -3.53 -3.49
N THR A 513 -23.56 -2.20 -3.54
CA THR A 513 -23.92 -1.48 -4.76
C THR A 513 -22.90 -0.45 -5.21
N GLY A 514 -22.01 0.00 -4.34
CA GLY A 514 -21.16 1.11 -4.65
C GLY A 514 -21.76 2.49 -4.43
N LYS A 515 -23.04 2.59 -4.04
CA LYS A 515 -23.72 3.91 -3.94
C LYS A 515 -23.28 4.63 -2.66
N GLU A 516 -23.03 5.94 -2.72
CA GLU A 516 -22.61 6.75 -1.57
C GLU A 516 -23.71 6.79 -0.52
N VAL A 517 -23.41 6.45 0.73
CA VAL A 517 -24.39 6.50 1.82
C VAL A 517 -24.04 7.53 2.90
N TRP A 518 -22.83 8.07 2.91
CA TRP A 518 -22.47 9.13 3.85
C TRP A 518 -21.25 9.82 3.30
N SER A 519 -21.13 11.10 3.63
CA SER A 519 -19.88 11.79 3.37
C SER A 519 -19.69 12.92 4.36
N THR A 520 -18.43 13.29 4.50
CA THR A 520 -17.98 14.52 5.13
C THR A 520 -16.85 15.09 4.28
N ARG A 521 -16.36 16.26 4.67
CA ARG A 521 -15.32 16.94 3.93
C ARG A 521 -14.32 17.52 4.92
N LEU A 522 -13.05 17.18 4.75
CA LEU A 522 -11.99 17.54 5.68
C LEU A 522 -11.21 18.75 5.17
N PRO A 523 -10.30 19.30 5.98
CA PRO A 523 -9.63 20.54 5.56
C PRO A 523 -8.80 20.45 4.29
N GLY A 524 -8.22 19.28 4.03
CA GLY A 524 -7.40 19.02 2.88
C GLY A 524 -7.75 17.69 2.25
N ALA A 525 -7.06 17.39 1.16
CA ALA A 525 -7.26 16.14 0.45
C ALA A 525 -7.21 14.96 1.42
N ILE A 526 -8.06 13.97 1.20
CA ILE A 526 -8.01 12.75 2.02
C ILE A 526 -6.92 11.89 1.40
N SER A 527 -5.76 11.86 2.04
CA SER A 527 -4.52 11.40 1.42
C SER A 527 -3.94 10.15 2.05
N GLY A 528 -4.38 9.77 3.24
CA GLY A 528 -3.85 8.62 3.94
C GLY A 528 -4.87 7.53 4.16
N TYR A 529 -4.49 6.57 5.00
CA TYR A 529 -5.27 5.36 5.20
C TYR A 529 -6.44 5.60 6.17
N THR A 530 -7.45 4.73 6.04
CA THR A 530 -8.57 4.63 6.95
C THR A 530 -8.43 3.31 7.71
N THR A 531 -8.60 3.37 9.03
CA THR A 531 -8.59 2.19 9.87
C THR A 531 -9.77 2.26 10.83
N SER A 532 -10.03 1.15 11.52
CA SER A 532 -11.14 1.11 12.46
C SER A 532 -10.78 0.24 13.65
N TYR A 533 -11.27 0.65 14.81
CA TYR A 533 -10.99 -0.04 16.06
C TYR A 533 -12.13 0.22 17.01
N SER A 534 -12.15 -0.50 18.14
CA SER A 534 -13.20 -0.37 19.11
C SER A 534 -12.61 -0.18 20.50
N ILE A 535 -13.25 0.69 21.29
CA ILE A 535 -12.87 0.93 22.67
C ILE A 535 -14.16 0.99 23.46
N ASP A 536 -14.27 0.16 24.49
CA ASP A 536 -15.47 0.13 25.33
C ASP A 536 -16.74 -0.15 24.51
N GLY A 537 -16.62 -0.94 23.44
CA GLY A 537 -17.76 -1.27 22.63
C GLY A 537 -18.12 -0.27 21.56
N ARG A 538 -17.42 0.86 21.51
CA ARG A 538 -17.69 1.90 20.53
C ARG A 538 -16.70 1.80 19.37
N GLN A 539 -17.24 1.76 18.15
CA GLN A 539 -16.41 1.70 16.95
C GLN A 539 -16.00 3.09 16.49
N TYR A 540 -14.72 3.23 16.16
CA TYR A 540 -14.12 4.45 15.67
C TYR A 540 -13.59 4.17 14.27
N VAL A 541 -13.71 5.15 13.39
CA VAL A 541 -13.15 5.10 12.04
C VAL A 541 -12.20 6.27 11.91
N ALA A 542 -10.91 5.96 11.75
CA ALA A 542 -9.85 6.96 11.74
C ALA A 542 -9.29 7.10 10.33
N VAL A 543 -9.15 8.33 9.86
CA VAL A 543 -8.55 8.59 8.56
C VAL A 543 -7.48 9.66 8.69
N VAL A 544 -6.39 9.45 7.97
CA VAL A 544 -5.29 10.40 7.90
C VAL A 544 -5.46 11.24 6.64
N ALA A 545 -5.37 12.56 6.78
CA ALA A 545 -5.70 13.47 5.70
C ALA A 545 -4.75 14.68 5.68
N GLY A 546 -4.78 15.39 4.55
CA GLY A 546 -4.03 16.62 4.41
C GLY A 546 -3.43 16.85 3.04
N GLY A 547 -2.96 15.79 2.40
CA GLY A 547 -2.39 15.92 1.06
C GLY A 547 -1.25 14.94 0.84
N SER A 548 -0.98 14.69 -0.43
CA SER A 548 0.11 13.83 -0.86
C SER A 548 0.60 14.28 -2.24
N LEU A 549 1.65 13.61 -2.70
CA LEU A 549 2.18 13.82 -4.05
C LEU A 549 1.05 13.84 -5.05
N GLY A 550 -0.08 13.06 -4.94
CA GLY A 550 -1.13 12.96 -5.94
C GLY A 550 -2.17 14.07 -5.92
N THR A 551 -2.19 14.88 -4.87
CA THR A 551 -3.32 15.79 -4.67
C THR A 551 -3.50 16.71 -5.88
N GLY A 552 -2.41 17.24 -6.37
CA GLY A 552 -2.44 18.18 -7.46
C GLY A 552 -2.09 17.61 -8.80
N PHE A 553 -1.89 16.30 -8.90
CA PHE A 553 -1.40 15.72 -10.14
C PHE A 553 -2.47 15.69 -11.22
N PHE A 554 -3.74 15.59 -10.84
CA PHE A 554 -4.81 15.44 -11.82
C PHE A 554 -5.40 16.77 -12.24
N LYS A 555 -4.83 17.91 -11.88
CA LYS A 555 -5.47 19.24 -12.11
C LYS A 555 -5.75 19.55 -13.59
N ALA A 556 -4.86 19.27 -14.51
CA ALA A 556 -5.09 19.49 -15.96
C ALA A 556 -6.35 18.78 -16.44
N ALA A 557 -6.60 17.58 -15.97
CA ALA A 557 -7.74 16.76 -16.41
C ALA A 557 -9.00 17.10 -15.65
N VAL A 558 -8.87 17.53 -14.39
CA VAL A 558 -10.03 17.79 -13.53
C VAL A 558 -9.92 19.17 -12.89
N PRO A 559 -10.07 20.25 -13.64
CA PRO A 559 -9.83 21.58 -13.05
C PRO A 559 -10.96 22.09 -12.17
N GLY A 560 -12.10 21.42 -12.17
CA GLY A 560 -13.27 21.97 -11.53
C GLY A 560 -13.44 21.64 -10.08
N VAL A 561 -12.53 20.88 -9.48
CA VAL A 561 -12.69 20.40 -8.12
C VAL A 561 -11.71 21.09 -7.18
N ASP A 562 -12.12 21.25 -5.92
CA ASP A 562 -11.36 22.00 -4.91
C ASP A 562 -10.41 21.04 -4.18
N ALA A 563 -9.42 20.58 -4.97
CA ALA A 563 -8.35 19.74 -4.46
C ALA A 563 -7.27 20.66 -3.92
N VAL A 564 -6.99 20.54 -2.63
CA VAL A 564 -6.07 21.45 -1.95
C VAL A 564 -5.42 20.66 -0.82
N GLN A 565 -4.17 20.98 -0.54
CA GLN A 565 -3.45 20.36 0.56
C GLN A 565 -3.49 21.28 1.77
N GLY A 566 -3.55 20.67 2.93
CA GLY A 566 -3.47 21.40 4.18
C GLY A 566 -4.23 20.71 5.28
N GLY A 567 -3.94 21.15 6.50
CA GLY A 567 -4.64 20.58 7.63
C GLY A 567 -4.26 19.15 7.91
N ASN A 568 -2.98 18.80 7.74
CA ASN A 568 -2.58 17.43 8.01
C ASN A 568 -3.04 17.03 9.40
N GLY A 569 -3.66 15.86 9.49
CA GLY A 569 -4.20 15.43 10.76
C GLY A 569 -4.76 14.04 10.66
N ILE A 570 -5.01 13.47 11.85
CA ILE A 570 -5.82 12.27 12.01
C ILE A 570 -7.21 12.73 12.43
N TYR A 571 -8.24 12.17 11.79
CA TYR A 571 -9.63 12.56 11.98
C TYR A 571 -10.40 11.30 12.27
N VAL A 572 -11.11 11.27 13.40
CA VAL A 572 -11.71 10.02 13.88
C VAL A 572 -13.19 10.22 14.10
N PHE A 573 -13.99 9.32 13.53
CA PHE A 573 -15.44 9.39 13.49
C PHE A 573 -16.04 8.25 14.28
N ALA A 574 -17.24 8.50 14.82
CA ALA A 574 -17.97 7.46 15.53
C ALA A 574 -19.45 7.85 15.55
N LEU A 575 -20.30 6.91 15.95
CA LEU A 575 -21.71 7.22 16.07
C LEU A 575 -21.99 8.02 17.35
N PRO A 576 -23.04 8.85 17.33
CA PRO A 576 -23.43 9.53 18.56
C PRO A 576 -23.72 8.52 19.65
N GLU A 577 -23.29 8.85 20.86
CA GLU A 577 -23.67 8.17 22.08
C GLU A 577 -24.93 8.81 22.63
N1 PQQ B . 4.97 7.52 -4.19
C2 PQQ B . 3.78 8.05 -4.54
C2X PQQ B . 2.89 8.80 -3.58
O2A PQQ B . 1.75 9.24 -3.91
O2B PQQ B . 3.41 9.05 -2.44
C3 PQQ B . 3.55 7.85 -5.89
C3A PQQ B . 4.64 7.16 -6.38
C1A PQQ B . 5.53 6.98 -5.31
C4 PQQ B . 5.00 6.64 -7.74
O4 PQQ B . 4.20 6.79 -8.64
C5 PQQ B . 6.24 5.96 -7.95
O5 PQQ B . 6.56 5.52 -9.03
C6A PQQ B . 7.17 5.75 -6.78
N6 PQQ B . 8.36 5.10 -6.95
C7 PQQ B . 9.18 4.88 -5.89
C7X PQQ B . 10.32 4.16 -6.57
O7A PQQ B . 10.37 3.88 -7.81
O7B PQQ B . 11.29 3.95 -5.78
C8 PQQ B . 8.84 5.35 -4.62
C9 PQQ B . 7.67 6.02 -4.46
C9X PQQ B . 7.63 6.25 -2.95
O9A PQQ B . 6.63 6.79 -2.41
O9B PQQ B . 8.38 5.53 -2.21
C9A PQQ B . 6.81 6.22 -5.50
HN1 PQQ B . 5.33 7.54 -3.40
H3 PQQ B . 2.80 8.14 -6.38
H8 PQQ B . 9.40 5.20 -3.90
C ACT C . 25.69 -7.37 14.05
O ACT C . 25.64 -7.13 12.79
OXT ACT C . 25.49 -6.63 15.01
CH3 ACT C . 26.08 -8.62 14.37
H1 ACT C . 25.61 -9.26 13.82
H2 ACT C . 25.89 -8.79 15.31
H3 ACT C . 27.04 -8.71 14.21
C ACT D . 12.27 -6.81 26.19
O ACT D . 12.79 -5.79 25.68
OXT ACT D . 12.41 -7.22 27.39
CH3 ACT D . 11.43 -7.70 25.26
H1 ACT D . 10.93 -7.15 24.64
H2 ACT D . 10.81 -8.23 25.79
H3 ACT D . 12.01 -8.29 24.76
NA NA E . 11.75 -5.94 23.61
N1 EPE F . 20.70 8.79 15.73
C2 EPE F . 21.03 8.81 14.29
C3 EPE F . 22.42 8.24 14.04
N4 EPE F . 23.44 8.81 14.93
C5 EPE F . 23.08 8.94 16.31
C6 EPE F . 21.70 9.55 16.48
C7 EPE F . 24.81 8.34 14.74
C8 EPE F . 25.68 9.38 14.05
O8 EPE F . 26.12 10.44 14.89
C9 EPE F . 19.39 9.43 15.93
C10 EPE F . 18.85 9.05 17.30
S EPE F . 17.15 9.66 17.46
O1S EPE F . 16.36 8.59 16.91
O2S EPE F . 16.97 10.93 16.73
O3S EPE F . 16.78 9.84 18.86
H21 EPE F . 20.99 9.84 13.93
H22 EPE F . 20.28 8.24 13.73
H31 EPE F . 22.70 8.42 13.00
H32 EPE F . 22.38 7.15 14.20
H51 EPE F . 23.82 9.58 16.81
H52 EPE F . 23.11 7.97 16.80
H61 EPE F . 21.71 10.58 16.13
H62 EPE F . 21.43 9.56 17.53
H71 EPE F . 24.80 7.43 14.14
H72 EPE F . 25.24 8.11 15.71
H81 EPE F . 25.13 9.81 13.21
H82 EPE F . 26.56 8.88 13.64
HO8 EPE F . 26.56 10.06 15.67
H91 EPE F . 19.50 10.51 15.86
H92 EPE F . 18.70 9.11 15.15
H101 EPE F . 18.86 7.97 17.41
H102 EPE F . 19.48 9.49 18.07
CA CA G . 8.75 4.72 -9.21
CA CA H . 17.19 -2.20 24.67
CA CA I . 4.86 -18.25 -12.90
CL CL J . 14.78 -1.45 24.85
CL CL K . 18.00 -0.14 24.19
#